data_4NEU
#
_entry.id   4NEU
#
_cell.length_a   149.249
_cell.length_b   149.249
_cell.length_c   187.670
_cell.angle_alpha   90.00
_cell.angle_beta   90.00
_cell.angle_gamma   120.00
#
_symmetry.space_group_name_H-M   'H 3 2'
#
loop_
_entity.id
_entity.type
_entity.pdbx_description
1 polymer 'Receptor-interacting serine/threonine-protein kinase 1'
2 non-polymer 'MAGNESIUM ION'
3 non-polymer 1-[4-(1-aminoisoquinolin-5-yl)phenyl]-3-(5-tert-butyl-1,2-oxazol-3-yl)urea
4 water water
#
_entity_poly.entity_id   1
_entity_poly.type   'polypeptide(L)'
_entity_poly.pdbx_seq_one_letter_code
;MDYKDDDDKMQPDMSLNVIKMKSSDFLESAELDSGGFGKVSLCFHRTQGLMIMKTVYKGPNCIEHNEALLEEAKMMNRLR
HSRVVKLLGVIIEEGKYSLVMEYMEKGNLMHVLKAEMSTPLSVKGRIILEIIEGMCYLHGKGVIHKDLKPENILVDNDFH
IKIADLGLASFKMWSKLNNEEHNELREVDGTAKKNGGTLYYMAPEHLNDVNAKPTEKSDVYSFAVVLWAIFANKEPYENA
ICEQQLIMCIKSGNRPDVDDITEYCPREIISLMKLCWEANPEARPTFPGIEEKFRPFYLSQLEESVEEDVKSLKKEYSNE
NAVVKRMQSLQLD
;
_entity_poly.pdbx_strand_id   A,B
#
loop_
_chem_comp.id
_chem_comp.type
_chem_comp.name
_chem_comp.formula
MG non-polymer 'MAGNESIUM ION' 'Mg 2'
Q1A non-polymer 1-[4-(1-aminoisoquinolin-5-yl)phenyl]-3-(5-tert-butyl-1,2-oxazol-3-yl)urea 'C23 H23 N5 O2'
#
# COMPACT_ATOMS: atom_id res chain seq x y z
N SER A 15 1.70 -0.48 -29.08
CA SER A 15 1.69 0.13 -27.71
C SER A 15 3.10 0.22 -27.09
N LEU A 16 4.10 -0.39 -27.73
CA LEU A 16 5.49 -0.30 -27.25
C LEU A 16 6.12 1.07 -27.49
N ASN A 17 6.65 1.65 -26.42
CA ASN A 17 7.35 2.91 -26.49
C ASN A 17 8.76 2.71 -27.09
N VAL A 18 8.96 3.22 -28.31
CA VAL A 18 10.27 3.21 -28.93
C VAL A 18 11.03 4.47 -28.49
N ILE A 19 12.10 4.28 -27.74
CA ILE A 19 12.93 5.38 -27.27
C ILE A 19 13.96 5.69 -28.33
N LYS A 20 14.14 6.97 -28.61
CA LYS A 20 15.20 7.43 -29.48
C LYS A 20 16.39 7.71 -28.58
N MET A 21 17.35 6.78 -28.59
CA MET A 21 18.55 6.89 -27.80
C MET A 21 19.70 6.20 -28.53
N LYS A 22 20.74 6.96 -28.83
CA LYS A 22 21.89 6.42 -29.54
C LYS A 22 22.90 5.85 -28.54
N SER A 23 23.86 5.10 -29.06
CA SER A 23 24.99 4.58 -28.27
C SER A 23 25.81 5.70 -27.64
N SER A 24 25.89 6.84 -28.33
CA SER A 24 26.61 7.98 -27.82
C SER A 24 25.92 8.66 -26.62
N ASP A 25 24.66 8.33 -26.36
CA ASP A 25 23.92 8.96 -25.26
C ASP A 25 24.25 8.38 -23.89
N PHE A 26 24.83 7.20 -23.84
CA PHE A 26 25.05 6.52 -22.58
C PHE A 26 26.28 5.62 -22.62
N LEU A 27 26.72 5.16 -21.46
CA LEU A 27 27.79 4.16 -21.38
C LEU A 27 27.40 3.05 -20.41
N GLU A 28 27.95 1.85 -20.62
CA GLU A 28 27.74 0.75 -19.72
C GLU A 28 28.66 0.88 -18.53
N SER A 29 28.11 1.10 -17.33
CA SER A 29 28.93 1.18 -16.12
C SER A 29 29.34 -0.18 -15.63
N ALA A 30 28.47 -1.15 -15.79
CA ALA A 30 28.71 -2.48 -15.26
C ALA A 30 27.80 -3.52 -15.90
N GLU A 31 28.33 -4.73 -16.04
CA GLU A 31 27.58 -5.85 -16.52
C GLU A 31 27.14 -6.64 -15.30
N LEU A 32 25.87 -7.00 -15.27
CA LEU A 32 25.27 -7.72 -14.18
C LEU A 32 24.92 -9.12 -14.67
N ASP A 33 24.76 -10.08 -13.75
CA ASP A 33 24.34 -11.42 -14.15
C ASP A 33 22.84 -11.41 -14.57
N SER A 34 22.61 -11.94 -15.77
CA SER A 34 21.40 -11.66 -16.55
C SER A 34 20.36 -12.77 -16.52
N GLY A 35 20.54 -13.75 -15.64
CA GLY A 35 19.61 -14.89 -15.55
C GLY A 35 19.35 -15.62 -16.86
N GLY A 36 20.35 -15.66 -17.74
CA GLY A 36 20.23 -16.35 -19.04
C GLY A 36 20.91 -15.65 -20.21
N PHE A 37 20.33 -15.82 -21.40
CA PHE A 37 20.91 -15.36 -22.67
C PHE A 37 21.17 -13.87 -22.79
N GLY A 38 20.51 -13.06 -21.99
CA GLY A 38 20.62 -11.60 -22.15
C GLY A 38 21.95 -11.02 -21.70
N LYS A 39 22.31 -9.88 -22.25
CA LYS A 39 23.27 -9.03 -21.59
C LYS A 39 22.47 -8.02 -20.78
N VAL A 40 22.70 -7.98 -19.47
CA VAL A 40 22.09 -6.98 -18.62
C VAL A 40 23.19 -6.03 -18.18
N SER A 41 22.96 -4.74 -18.35
CA SER A 41 23.92 -3.70 -18.04
C SER A 41 23.30 -2.60 -17.20
N LEU A 42 24.00 -2.14 -16.17
CA LEU A 42 23.74 -0.84 -15.55
C LEU A 42 24.38 0.22 -16.43
N CYS A 43 23.58 1.17 -16.90
CA CYS A 43 24.06 2.17 -17.83
C CYS A 43 23.87 3.54 -17.24
N PHE A 44 24.66 4.50 -17.74
CA PHE A 44 24.50 5.90 -17.35
C PHE A 44 24.20 6.74 -18.59
N HIS A 45 23.06 7.43 -18.56
CA HIS A 45 22.67 8.35 -19.65
C HIS A 45 23.26 9.71 -19.40
N ARG A 46 23.67 10.40 -20.46
CA ARG A 46 24.27 11.74 -20.35
C ARG A 46 23.45 12.71 -19.47
N THR A 47 22.12 12.71 -19.66
CA THR A 47 21.21 13.63 -18.96
C THR A 47 20.25 12.93 -17.98
N GLN A 48 19.91 11.67 -18.23
CA GLN A 48 18.85 10.98 -17.49
C GLN A 48 19.33 10.06 -16.36
N GLY A 49 20.64 9.83 -16.25
CA GLY A 49 21.15 9.03 -15.13
C GLY A 49 21.10 7.54 -15.34
N LEU A 50 21.15 6.79 -14.23
CA LEU A 50 21.27 5.34 -14.26
C LEU A 50 20.01 4.64 -14.78
N MET A 51 20.22 3.57 -15.54
CA MET A 51 19.15 2.74 -16.06
C MET A 51 19.70 1.34 -16.34
N ILE A 52 18.81 0.40 -16.62
CA ILE A 52 19.19 -0.99 -16.89
C ILE A 52 18.82 -1.29 -18.34
N MET A 53 19.74 -1.92 -19.05
CA MET A 53 19.46 -2.32 -20.42
C MET A 53 19.61 -3.81 -20.53
N LYS A 54 18.71 -4.46 -21.26
CA LYS A 54 18.89 -5.84 -21.60
C LYS A 54 19.05 -5.88 -23.08
N THR A 55 20.05 -6.62 -23.52
CA THR A 55 20.43 -6.60 -24.91
C THR A 55 20.87 -7.99 -25.38
N VAL A 56 21.07 -8.12 -26.68
CA VAL A 56 21.48 -9.41 -27.25
C VAL A 56 22.96 -9.37 -27.57
N TYR A 57 23.68 -10.46 -27.30
CA TYR A 57 25.07 -10.60 -27.77
C TYR A 57 25.05 -10.89 -29.26
N LYS A 58 26.12 -10.48 -29.93
CA LYS A 58 26.37 -10.89 -31.31
C LYS A 58 26.62 -12.39 -31.35
N GLY A 59 26.18 -13.05 -32.42
CA GLY A 59 26.44 -14.47 -32.60
C GLY A 59 25.39 -15.17 -33.43
N PRO A 60 25.55 -16.50 -33.61
CA PRO A 60 24.63 -17.32 -34.41
C PRO A 60 23.19 -17.43 -33.87
N ASN A 61 22.97 -17.01 -32.63
CA ASN A 61 21.66 -17.13 -32.00
C ASN A 61 20.93 -15.82 -31.87
N CYS A 62 21.39 -14.80 -32.58
CA CYS A 62 20.85 -13.46 -32.39
C CYS A 62 19.40 -13.34 -32.85
N ILE A 63 18.98 -14.14 -33.84
CA ILE A 63 17.61 -14.04 -34.34
C ILE A 63 16.56 -14.58 -33.34
N GLU A 64 16.84 -15.68 -32.65
CA GLU A 64 15.92 -16.24 -31.66
C GLU A 64 15.96 -15.49 -30.33
N HIS A 65 17.10 -14.87 -30.02
CA HIS A 65 17.24 -14.09 -28.79
C HIS A 65 16.52 -12.79 -28.97
N ASN A 66 16.73 -12.15 -30.11
CA ASN A 66 16.08 -10.91 -30.43
C ASN A 66 14.56 -11.07 -30.46
N GLU A 67 14.11 -12.17 -31.08
CA GLU A 67 12.73 -12.63 -31.00
C GLU A 67 12.25 -12.77 -29.55
N ALA A 68 13.06 -13.37 -28.70
CA ALA A 68 12.68 -13.56 -27.30
C ALA A 68 12.61 -12.22 -26.55
N LEU A 69 13.51 -11.31 -26.88
CA LEU A 69 13.59 -10.00 -26.23
C LEU A 69 12.34 -9.19 -26.53
N LEU A 70 11.89 -9.20 -27.77
CA LEU A 70 10.68 -8.51 -28.17
C LEU A 70 9.47 -9.01 -27.37
N GLU A 71 9.27 -10.32 -27.33
CA GLU A 71 8.24 -10.91 -26.49
C GLU A 71 8.41 -10.50 -25.02
N GLU A 72 9.65 -10.47 -24.53
CA GLU A 72 9.87 -10.01 -23.16
C GLU A 72 9.34 -8.58 -23.04
N ALA A 73 9.72 -7.72 -23.97
CA ALA A 73 9.24 -6.33 -23.97
C ALA A 73 7.69 -6.21 -24.00
N LYS A 74 7.02 -7.07 -24.77
CA LYS A 74 5.56 -7.01 -24.90
C LYS A 74 4.90 -7.41 -23.60
N MET A 75 5.45 -8.44 -22.99
CA MET A 75 4.97 -8.97 -21.73
C MET A 75 5.12 -7.93 -20.62
N MET A 76 6.29 -7.34 -20.49
CA MET A 76 6.50 -6.31 -19.48
C MET A 76 5.61 -5.10 -19.69
N ASN A 77 5.31 -4.83 -20.95
CA ASN A 77 4.51 -3.70 -21.33
C ASN A 77 3.03 -3.91 -21.02
N ARG A 78 2.51 -5.09 -21.29
CA ARG A 78 1.11 -5.34 -21.02
C ARG A 78 0.86 -5.61 -19.54
N LEU A 79 1.92 -5.91 -18.79
CA LEU A 79 1.82 -6.08 -17.34
C LEU A 79 2.42 -4.93 -16.53
N ARG A 80 2.44 -3.72 -17.08
CA ARG A 80 2.80 -2.52 -16.33
CA ARG A 80 2.85 -2.55 -16.31
C ARG A 80 2.00 -2.48 -15.04
N HIS A 81 2.66 -2.21 -13.91
CA HIS A 81 2.02 -2.22 -12.61
C HIS A 81 3.02 -1.75 -11.60
N SER A 82 2.57 -1.19 -10.50
CA SER A 82 3.50 -0.64 -9.53
C SER A 82 4.40 -1.67 -8.85
N ARG A 83 4.06 -2.96 -8.94
CA ARG A 83 4.87 -4.03 -8.33
C ARG A 83 5.50 -4.96 -9.35
N VAL A 84 5.51 -4.58 -10.62
CA VAL A 84 6.25 -5.27 -11.67
C VAL A 84 7.34 -4.36 -12.18
N VAL A 85 8.52 -4.93 -12.44
CA VAL A 85 9.66 -4.14 -12.90
C VAL A 85 9.25 -3.29 -14.11
N LYS A 86 9.74 -2.06 -14.15
CA LYS A 86 9.23 -1.07 -15.10
C LYS A 86 10.06 -1.02 -16.37
N LEU A 87 9.43 -1.39 -17.49
CA LEU A 87 9.99 -1.17 -18.82
C LEU A 87 9.79 0.28 -19.14
N LEU A 88 10.88 1.02 -19.29
CA LEU A 88 10.78 2.40 -19.74
C LEU A 88 10.53 2.44 -21.25
N GLY A 89 11.02 1.46 -21.98
CA GLY A 89 10.81 1.45 -23.43
C GLY A 89 11.76 0.55 -24.16
N VAL A 90 11.75 0.65 -25.50
CA VAL A 90 12.59 -0.20 -26.35
C VAL A 90 13.48 0.67 -27.24
N ILE A 91 14.71 0.22 -27.48
CA ILE A 91 15.60 0.85 -28.45
C ILE A 91 15.74 -0.08 -29.65
N ILE A 92 15.49 0.46 -30.85
CA ILE A 92 15.61 -0.31 -32.08
C ILE A 92 16.70 0.29 -32.94
N GLU A 93 17.78 -0.46 -33.13
CA GLU A 93 18.90 -0.03 -33.96
C GLU A 93 19.17 -1.10 -35.01
N GLU A 94 18.74 -0.82 -36.24
CA GLU A 94 18.86 -1.75 -37.37
C GLU A 94 18.21 -3.12 -37.13
N GLY A 95 17.10 -3.12 -36.40
CA GLY A 95 16.36 -4.36 -36.09
C GLY A 95 16.65 -4.95 -34.72
N LYS A 96 17.83 -4.63 -34.17
CA LYS A 96 18.27 -5.12 -32.86
C LYS A 96 17.58 -4.38 -31.70
N TYR A 97 16.89 -5.13 -30.85
CA TYR A 97 16.22 -4.59 -29.69
C TYR A 97 17.16 -4.46 -28.49
N SER A 98 16.88 -3.45 -27.65
CA SER A 98 17.41 -3.33 -26.29
C SER A 98 16.25 -2.94 -25.37
N LEU A 99 16.08 -3.63 -24.27
CA LEU A 99 15.09 -3.23 -23.28
C LEU A 99 15.72 -2.21 -22.35
N VAL A 100 15.01 -1.10 -22.13
CA VAL A 100 15.44 -0.12 -21.14
C VAL A 100 14.47 -0.16 -19.98
N MET A 101 15.01 -0.25 -18.76
CA MET A 101 14.20 -0.43 -17.55
C MET A 101 14.63 0.48 -16.44
N GLU A 102 13.70 0.79 -15.56
CA GLU A 102 13.96 1.71 -14.48
C GLU A 102 14.74 0.98 -13.42
N TYR A 103 15.82 1.62 -12.98
CA TYR A 103 16.81 0.98 -12.14
C TYR A 103 16.31 0.95 -10.73
N MET A 104 16.25 -0.22 -10.12
CA MET A 104 15.88 -0.35 -8.70
C MET A 104 17.16 -0.32 -7.90
N GLU A 105 17.38 0.78 -7.21
CA GLU A 105 18.74 1.17 -6.80
C GLU A 105 19.37 0.27 -5.73
N LYS A 106 18.56 -0.43 -4.93
CA LYS A 106 19.08 -1.26 -3.83
C LYS A 106 19.33 -2.73 -4.22
N GLY A 107 19.08 -3.08 -5.48
CA GLY A 107 19.37 -4.42 -5.97
C GLY A 107 18.29 -5.39 -5.58
N ASN A 108 18.62 -6.68 -5.55
CA ASN A 108 17.64 -7.69 -5.20
C ASN A 108 17.48 -7.84 -3.68
N LEU A 109 16.45 -8.60 -3.30
CA LEU A 109 15.99 -8.69 -1.93
C LEU A 109 17.01 -9.39 -1.04
N MET A 110 17.65 -10.43 -1.56
CA MET A 110 18.68 -11.10 -0.77
C MET A 110 19.84 -10.16 -0.50
N HIS A 111 20.18 -9.33 -1.49
CA HIS A 111 21.25 -8.36 -1.30
C HIS A 111 20.93 -7.36 -0.21
N VAL A 112 19.66 -6.95 -0.12
CA VAL A 112 19.25 -6.07 0.96
C VAL A 112 19.32 -6.80 2.30
N LEU A 113 18.72 -7.99 2.36
CA LEU A 113 18.70 -8.80 3.58
C LEU A 113 20.08 -9.11 4.16
N LYS A 114 21.07 -9.39 3.30
CA LYS A 114 22.44 -9.70 3.77
C LYS A 114 23.30 -8.50 4.15
N ALA A 115 22.81 -7.26 4.01
CA ALA A 115 23.60 -6.08 4.37
C ALA A 115 23.81 -5.97 5.87
N GLU A 116 24.78 -5.15 6.30
CA GLU A 116 25.05 -4.95 7.73
C GLU A 116 23.86 -4.29 8.43
N MET A 117 23.19 -3.34 7.78
CA MET A 117 21.98 -2.72 8.35
C MET A 117 20.83 -3.72 8.35
N SER A 118 20.28 -4.01 9.54
CA SER A 118 19.10 -4.87 9.64
C SER A 118 17.89 -4.20 9.04
N THR A 119 17.10 -4.92 8.27
CA THR A 119 15.85 -4.35 7.82
C THR A 119 14.79 -4.55 8.91
N PRO A 120 14.11 -3.49 9.34
CA PRO A 120 13.20 -3.68 10.48
C PRO A 120 11.93 -4.44 10.15
N LEU A 121 11.33 -5.03 11.18
CA LEU A 121 10.17 -5.89 11.00
C LEU A 121 9.10 -5.24 10.11
N SER A 122 8.76 -3.98 10.37
CA SER A 122 7.62 -3.39 9.69
C SER A 122 7.89 -3.26 8.21
N VAL A 123 9.13 -2.93 7.87
CA VAL A 123 9.57 -2.85 6.49
C VAL A 123 9.55 -4.24 5.84
N LYS A 124 10.02 -5.25 6.55
CA LYS A 124 9.89 -6.63 6.07
C LYS A 124 8.40 -6.95 5.85
N GLY A 125 7.55 -6.47 6.75
CA GLY A 125 6.10 -6.62 6.63
C GLY A 125 5.59 -6.03 5.33
N ARG A 126 6.02 -4.81 5.01
CA ARG A 126 5.57 -4.14 3.81
C ARG A 126 6.08 -4.83 2.56
N ILE A 127 7.35 -5.24 2.58
CA ILE A 127 7.93 -5.96 1.45
C ILE A 127 7.03 -7.16 1.17
N ILE A 128 6.77 -7.95 2.20
CA ILE A 128 5.93 -9.13 2.02
C ILE A 128 4.59 -8.70 1.41
N LEU A 129 3.96 -7.67 1.97
CA LEU A 129 2.65 -7.22 1.44
C LEU A 129 2.75 -6.83 -0.04
N GLU A 130 3.86 -6.22 -0.42
CA GLU A 130 4.02 -5.81 -1.81
C GLU A 130 4.25 -6.99 -2.76
N ILE A 131 4.87 -8.06 -2.27
CA ILE A 131 5.05 -9.25 -3.09
C ILE A 131 3.70 -9.89 -3.34
N ILE A 132 2.88 -9.90 -2.31
CA ILE A 132 1.55 -10.46 -2.42
C ILE A 132 0.74 -9.66 -3.43
N GLU A 133 0.76 -8.34 -3.31
CA GLU A 133 0.09 -7.50 -4.33
C GLU A 133 0.60 -7.82 -5.74
N GLY A 134 1.90 -8.00 -5.90
CA GLY A 134 2.46 -8.29 -7.23
C GLY A 134 1.93 -9.61 -7.78
N MET A 135 1.88 -10.61 -6.91
CA MET A 135 1.48 -11.93 -7.32
C MET A 135 -0.04 -12.02 -7.57
N CYS A 136 -0.87 -11.34 -6.77
CA CYS A 136 -2.30 -11.27 -7.08
C CYS A 136 -2.52 -10.72 -8.48
N TYR A 137 -1.82 -9.65 -8.80
CA TYR A 137 -1.93 -9.06 -10.11
C TYR A 137 -1.51 -10.02 -11.22
N LEU A 138 -0.33 -10.62 -11.12
CA LEU A 138 0.12 -11.55 -12.16
C LEU A 138 -0.87 -12.71 -12.32
N HIS A 139 -1.25 -13.31 -11.21
CA HIS A 139 -2.20 -14.42 -11.21
C HIS A 139 -3.55 -14.04 -11.71
N GLY A 140 -4.05 -12.87 -11.29
CA GLY A 140 -5.26 -12.29 -11.87
C GLY A 140 -5.18 -12.11 -13.38
N LYS A 141 -3.98 -11.86 -13.88
CA LYS A 141 -3.73 -11.75 -15.32
C LYS A 141 -3.49 -13.08 -16.03
N GLY A 142 -3.62 -14.18 -15.31
CA GLY A 142 -3.33 -15.49 -15.88
C GLY A 142 -1.85 -15.78 -16.05
N VAL A 143 -0.95 -15.00 -15.44
CA VAL A 143 0.47 -15.25 -15.58
C VAL A 143 1.03 -16.03 -14.39
N ILE A 144 1.41 -17.29 -14.59
CA ILE A 144 2.20 -18.02 -13.59
C ILE A 144 3.66 -17.54 -13.69
N HIS A 145 4.25 -17.15 -12.55
CA HIS A 145 5.63 -16.64 -12.53
C HIS A 145 6.64 -17.72 -12.81
N LYS A 146 6.54 -18.84 -12.08
CA LYS A 146 7.37 -20.03 -12.28
C LYS A 146 8.77 -19.98 -11.63
N ASP A 147 9.19 -18.85 -11.10
CA ASP A 147 10.54 -18.76 -10.55
C ASP A 147 10.65 -17.62 -9.55
N LEU A 148 9.67 -17.57 -8.65
CA LEU A 148 9.66 -16.55 -7.62
C LEU A 148 10.77 -16.89 -6.65
N LYS A 149 11.67 -15.94 -6.43
CA LYS A 149 12.78 -16.11 -5.49
C LYS A 149 13.32 -14.71 -5.20
N PRO A 150 14.12 -14.57 -4.13
CA PRO A 150 14.58 -13.25 -3.75
C PRO A 150 15.37 -12.49 -4.82
N GLU A 151 16.11 -13.21 -5.66
CA GLU A 151 16.83 -12.61 -6.77
C GLU A 151 15.89 -11.94 -7.75
N ASN A 152 14.62 -12.37 -7.77
CA ASN A 152 13.61 -11.79 -8.66
C ASN A 152 12.76 -10.76 -7.96
N ILE A 153 13.18 -10.32 -6.79
CA ILE A 153 12.48 -9.28 -6.09
C ILE A 153 13.47 -8.16 -5.96
N LEU A 154 13.20 -7.07 -6.69
CA LEU A 154 14.09 -5.93 -6.74
C LEU A 154 13.61 -4.86 -5.80
N VAL A 155 14.54 -4.03 -5.33
CA VAL A 155 14.25 -3.11 -4.24
C VAL A 155 14.76 -1.71 -4.57
N ASP A 156 13.96 -0.69 -4.28
CA ASP A 156 14.31 0.71 -4.60
C ASP A 156 14.82 1.50 -3.38
N ASN A 157 15.19 2.77 -3.57
CA ASN A 157 15.73 3.61 -2.48
C ASN A 157 14.73 3.94 -1.36
N ASP A 158 13.44 3.73 -1.60
CA ASP A 158 12.41 3.89 -0.58
C ASP A 158 12.03 2.54 0.04
N PHE A 159 12.75 1.50 -0.36
CA PHE A 159 12.53 0.12 0.10
C PHE A 159 11.20 -0.47 -0.34
N HIS A 160 10.63 0.07 -1.43
CA HIS A 160 9.53 -0.60 -2.13
C HIS A 160 10.11 -1.60 -3.09
N ILE A 161 9.33 -2.64 -3.41
CA ILE A 161 9.79 -3.73 -4.23
C ILE A 161 8.99 -3.84 -5.53
N LYS A 162 9.61 -4.45 -6.52
CA LYS A 162 8.94 -4.81 -7.76
C LYS A 162 9.41 -6.20 -8.12
N ILE A 163 8.50 -7.01 -8.62
CA ILE A 163 8.80 -8.36 -9.06
C ILE A 163 9.38 -8.37 -10.49
N ALA A 164 10.51 -9.05 -10.65
CA ALA A 164 11.13 -9.31 -11.97
C ALA A 164 11.05 -10.78 -12.30
N ASP A 165 11.48 -11.14 -13.51
CA ASP A 165 11.54 -12.52 -13.89
C ASP A 165 12.69 -12.74 -14.83
N LEU A 166 13.90 -12.63 -14.28
CA LEU A 166 15.12 -12.52 -15.09
C LEU A 166 15.27 -13.62 -16.14
N GLY A 167 14.88 -14.84 -15.79
CA GLY A 167 14.98 -15.99 -16.67
C GLY A 167 13.74 -16.36 -17.47
N LEU A 168 12.62 -15.67 -17.29
CA LEU A 168 11.38 -16.16 -17.93
C LEU A 168 11.38 -15.96 -19.43
N ALA A 169 12.14 -15.00 -19.94
CA ALA A 169 12.31 -14.85 -21.38
C ALA A 169 13.16 -16.01 -21.95
N SER A 170 14.09 -16.52 -21.13
CA SER A 170 14.92 -17.67 -21.49
C SER A 170 14.11 -18.99 -21.45
N PHE A 171 13.22 -19.10 -20.47
CA PHE A 171 12.37 -20.30 -20.28
C PHE A 171 11.35 -20.48 -21.42
N LYS A 172 10.75 -19.38 -21.89
CA LYS A 172 9.75 -19.45 -22.97
C LYS A 172 10.37 -19.70 -24.35
N MET A 173 11.57 -19.15 -24.57
CA MET A 173 12.37 -19.41 -25.76
C MET A 173 12.61 -20.92 -25.91
N TRP A 174 12.90 -21.58 -24.78
CA TRP A 174 12.96 -23.03 -24.73
C TRP A 174 11.58 -23.60 -24.53
N GLY A 197 13.84 -23.28 -13.34
CA GLY A 197 13.52 -22.97 -11.94
C GLY A 197 14.71 -23.16 -11.01
N THR A 198 14.63 -22.56 -9.82
CA THR A 198 15.68 -22.66 -8.80
C THR A 198 15.32 -23.64 -7.70
N LEU A 199 16.25 -24.54 -7.42
CA LEU A 199 15.99 -25.70 -6.57
C LEU A 199 15.31 -25.37 -5.25
N TYR A 200 15.87 -24.42 -4.50
CA TYR A 200 15.40 -24.14 -3.15
C TYR A 200 13.97 -23.62 -3.06
N TYR A 201 13.46 -23.13 -4.18
CA TYR A 201 12.17 -22.44 -4.20
C TYR A 201 11.09 -23.21 -4.95
N MET A 202 11.44 -24.40 -5.44
CA MET A 202 10.61 -25.12 -6.38
C MET A 202 9.66 -26.03 -5.61
N ALA A 203 8.39 -26.02 -5.98
CA ALA A 203 7.40 -26.86 -5.31
C ALA A 203 7.76 -28.33 -5.52
N PRO A 204 7.60 -29.17 -4.48
CA PRO A 204 7.96 -30.58 -4.54
C PRO A 204 7.39 -31.30 -5.74
N GLU A 205 6.16 -30.96 -6.11
CA GLU A 205 5.53 -31.58 -7.27
C GLU A 205 6.35 -31.41 -8.56
N HIS A 206 7.18 -30.37 -8.65
CA HIS A 206 8.04 -30.14 -9.82
C HIS A 206 9.46 -30.62 -9.72
N LEU A 207 9.85 -31.15 -8.55
CA LEU A 207 11.08 -31.93 -8.45
C LEU A 207 10.76 -33.37 -8.90
N ASN A 208 9.53 -33.77 -8.63
CA ASN A 208 8.98 -35.06 -8.99
C ASN A 208 8.91 -35.29 -10.49
N ASP A 209 8.39 -34.31 -11.23
CA ASP A 209 8.19 -34.43 -12.67
C ASP A 209 8.74 -33.28 -13.45
N VAL A 210 9.59 -33.55 -14.42
CA VAL A 210 10.09 -32.52 -15.30
C VAL A 210 8.98 -32.11 -16.25
N ASN A 211 7.91 -32.87 -16.28
CA ASN A 211 6.79 -32.53 -17.14
C ASN A 211 5.57 -32.08 -16.37
N ALA A 212 5.76 -31.73 -15.11
CA ALA A 212 4.72 -31.10 -14.32
C ALA A 212 4.55 -29.66 -14.75
N LYS A 213 3.32 -29.21 -14.79
CA LYS A 213 3.04 -27.88 -15.29
C LYS A 213 2.84 -26.93 -14.13
N PRO A 214 3.66 -25.80 -14.15
CA PRO A 214 3.47 -24.92 -12.99
C PRO A 214 2.10 -24.31 -12.88
N THR A 215 1.66 -24.14 -11.66
CA THR A 215 0.36 -23.53 -11.38
C THR A 215 0.53 -22.38 -10.39
N GLU A 216 -0.59 -21.74 -10.07
CA GLU A 216 -0.63 -20.67 -9.05
C GLU A 216 -0.09 -21.18 -7.71
N LYS A 217 -0.42 -22.42 -7.38
CA LYS A 217 0.01 -23.06 -6.15
C LYS A 217 1.52 -23.36 -6.11
N SER A 218 2.14 -23.51 -7.28
CA SER A 218 3.61 -23.62 -7.38
C SER A 218 4.25 -22.32 -6.94
N ASP A 219 3.65 -21.20 -7.38
CA ASP A 219 4.18 -19.88 -6.97
C ASP A 219 3.98 -19.66 -5.46
N VAL A 220 2.83 -20.13 -4.94
CA VAL A 220 2.55 -20.00 -3.51
C VAL A 220 3.63 -20.73 -2.73
N TYR A 221 4.01 -21.92 -3.19
CA TYR A 221 5.09 -22.67 -2.53
C TYR A 221 6.34 -21.81 -2.50
N SER A 222 6.76 -21.32 -3.66
CA SER A 222 7.96 -20.49 -3.73
C SER A 222 7.86 -19.33 -2.74
N PHE A 223 6.68 -18.73 -2.66
CA PHE A 223 6.45 -17.59 -1.77
C PHE A 223 6.72 -17.99 -0.31
N ALA A 224 6.42 -19.22 0.06
CA ALA A 224 6.64 -19.63 1.45
C ALA A 224 8.12 -19.59 1.78
N VAL A 225 8.94 -20.00 0.83
CA VAL A 225 10.37 -20.06 1.07
C VAL A 225 10.90 -18.65 1.06
N VAL A 226 10.34 -17.81 0.20
CA VAL A 226 10.72 -16.41 0.21
C VAL A 226 10.43 -15.77 1.57
N LEU A 227 9.30 -16.13 2.17
CA LEU A 227 8.93 -15.65 3.50
C LEU A 227 9.99 -16.05 4.52
N TRP A 228 10.47 -17.27 4.39
CA TRP A 228 11.45 -17.76 5.32
C TRP A 228 12.76 -17.05 5.12
N ALA A 229 13.18 -16.90 3.87
CA ALA A 229 14.42 -16.18 3.58
C ALA A 229 14.37 -14.73 4.13
N ILE A 230 13.20 -14.08 4.05
CA ILE A 230 13.05 -12.68 4.52
C ILE A 230 13.39 -12.56 5.99
N PHE A 231 13.00 -13.56 6.79
CA PHE A 231 13.30 -13.54 8.22
C PHE A 231 14.59 -14.25 8.61
N ALA A 232 15.06 -15.21 7.79
CA ALA A 232 16.35 -15.87 8.01
C ALA A 232 17.53 -15.01 7.53
N ASN A 233 17.26 -14.06 6.63
CA ASN A 233 18.31 -13.23 6.01
C ASN A 233 19.35 -14.05 5.27
N LYS A 234 18.91 -15.14 4.64
CA LYS A 234 19.83 -16.04 3.91
C LYS A 234 19.04 -17.11 3.16
N GLU A 235 19.75 -17.89 2.36
CA GLU A 235 19.15 -18.96 1.60
C GLU A 235 18.97 -20.18 2.52
N PRO A 236 17.93 -20.97 2.29
CA PRO A 236 17.70 -22.13 3.12
C PRO A 236 18.63 -23.29 2.80
N TYR A 237 18.57 -24.31 3.63
CA TYR A 237 19.17 -25.61 3.35
C TYR A 237 20.68 -25.62 3.31
N GLU A 238 21.35 -24.72 4.03
CA GLU A 238 22.81 -24.66 4.03
C GLU A 238 23.50 -25.97 4.36
N ASN A 239 22.86 -26.82 5.15
CA ASN A 239 23.44 -28.09 5.57
C ASN A 239 23.19 -29.25 4.59
N ALA A 240 22.43 -29.04 3.53
CA ALA A 240 22.25 -30.08 2.53
C ALA A 240 23.64 -30.55 2.14
N ILE A 241 23.83 -31.87 2.03
CA ILE A 241 25.09 -32.46 1.60
C ILE A 241 25.20 -32.55 0.07
N CYS A 242 24.08 -32.86 -0.59
CA CYS A 242 24.06 -33.01 -2.05
C CYS A 242 22.64 -32.79 -2.62
N GLU A 243 22.59 -32.46 -3.90
CA GLU A 243 21.34 -32.18 -4.58
C GLU A 243 20.34 -33.33 -4.43
N GLN A 244 20.79 -34.56 -4.64
CA GLN A 244 19.84 -35.69 -4.66
C GLN A 244 19.22 -35.93 -3.28
N GLN A 245 20.00 -35.71 -2.23
CA GLN A 245 19.46 -35.75 -0.89
C GLN A 245 18.41 -34.65 -0.70
N LEU A 246 18.77 -33.44 -1.09
CA LEU A 246 17.89 -32.32 -0.89
C LEU A 246 16.53 -32.58 -1.55
N ILE A 247 16.58 -33.07 -2.78
CA ILE A 247 15.37 -33.34 -3.54
C ILE A 247 14.52 -34.38 -2.84
N MET A 248 15.13 -35.47 -2.41
CA MET A 248 14.42 -36.55 -1.73
C MET A 248 13.82 -36.08 -0.39
N CYS A 249 14.59 -35.27 0.32
CA CYS A 249 14.17 -34.71 1.59
C CYS A 249 12.92 -33.82 1.45
N ILE A 250 12.97 -32.88 0.52
CA ILE A 250 11.88 -31.94 0.31
C ILE A 250 10.61 -32.65 -0.16
N LYS A 251 10.76 -33.59 -1.08
CA LYS A 251 9.63 -34.40 -1.53
C LYS A 251 9.04 -35.18 -0.38
N SER A 252 9.86 -35.60 0.58
CA SER A 252 9.33 -36.33 1.72
C SER A 252 8.74 -35.42 2.81
N GLY A 253 8.92 -34.10 2.71
CA GLY A 253 8.31 -33.17 3.68
C GLY A 253 9.21 -32.16 4.39
N ASN A 254 10.52 -32.28 4.22
CA ASN A 254 11.45 -31.34 4.83
C ASN A 254 11.22 -29.98 4.23
N ARG A 255 11.38 -28.96 5.06
CA ARG A 255 11.22 -27.59 4.65
C ARG A 255 12.36 -26.80 5.30
N PRO A 256 12.53 -25.53 4.92
CA PRO A 256 13.52 -24.71 5.61
C PRO A 256 13.34 -24.73 7.14
N ASP A 257 14.43 -24.45 7.84
CA ASP A 257 14.49 -24.63 9.30
C ASP A 257 13.92 -23.42 10.03
N VAL A 258 12.70 -23.55 10.56
CA VAL A 258 12.07 -22.41 11.24
C VAL A 258 12.89 -22.00 12.48
N ASP A 259 13.55 -22.98 13.10
CA ASP A 259 14.33 -22.73 14.28
C ASP A 259 15.63 -21.99 13.94
N ASP A 260 15.99 -21.92 12.65
CA ASP A 260 17.20 -21.23 12.22
C ASP A 260 16.97 -19.75 11.93
N ILE A 261 15.73 -19.28 12.11
CA ILE A 261 15.45 -17.85 12.13
C ILE A 261 15.85 -17.33 13.51
N THR A 262 16.77 -16.38 13.54
CA THR A 262 17.24 -15.81 14.81
C THR A 262 16.63 -14.43 15.16
N GLU A 263 15.91 -13.80 14.24
CA GLU A 263 15.08 -12.61 14.54
C GLU A 263 13.70 -13.02 15.01
N TYR A 264 13.01 -12.12 15.68
CA TYR A 264 11.60 -12.29 15.96
C TYR A 264 10.80 -12.35 14.66
N CYS A 265 9.97 -13.37 14.52
CA CYS A 265 9.07 -13.55 13.39
C CYS A 265 7.67 -13.85 13.89
N PRO A 266 6.71 -12.94 13.62
CA PRO A 266 5.35 -13.09 14.15
C PRO A 266 4.73 -14.44 13.90
N ARG A 267 4.04 -14.95 14.91
CA ARG A 267 3.32 -16.22 14.80
C ARG A 267 2.56 -16.26 13.47
N GLU A 268 1.89 -15.16 13.14
CA GLU A 268 1.09 -15.09 11.92
C GLU A 268 1.89 -15.33 10.66
N ILE A 269 3.12 -14.80 10.57
CA ILE A 269 3.96 -15.03 9.39
C ILE A 269 4.52 -16.45 9.37
N ILE A 270 4.86 -17.01 10.53
CA ILE A 270 5.29 -18.42 10.61
C ILE A 270 4.14 -19.35 10.19
N SER A 271 2.96 -19.07 10.71
CA SER A 271 1.77 -19.82 10.36
C SER A 271 1.47 -19.79 8.86
N LEU A 272 1.66 -18.63 8.26
CA LEU A 272 1.41 -18.44 6.84
C LEU A 272 2.47 -19.11 6.00
N MET A 273 3.69 -19.09 6.49
CA MET A 273 4.82 -19.70 5.81
C MET A 273 4.57 -21.20 5.71
N LYS A 274 4.16 -21.80 6.82
CA LYS A 274 3.88 -23.24 6.86
C LYS A 274 2.65 -23.66 6.04
N LEU A 275 1.67 -22.78 5.91
CA LEU A 275 0.50 -23.06 5.08
C LEU A 275 0.88 -23.02 3.62
N CYS A 276 1.70 -22.04 3.24
CA CYS A 276 2.06 -21.86 1.84
C CYS A 276 3.00 -22.93 1.25
N TRP A 277 3.68 -23.70 2.09
CA TRP A 277 4.51 -24.79 1.61
C TRP A 277 4.01 -26.16 2.00
N GLU A 278 2.69 -26.28 2.27
CA GLU A 278 2.05 -27.59 2.41
C GLU A 278 2.43 -28.51 1.27
N ALA A 279 2.53 -29.81 1.54
CA ALA A 279 2.87 -30.78 0.48
C ALA A 279 1.80 -30.84 -0.62
N ASN A 280 0.53 -30.91 -0.24
CA ASN A 280 -0.58 -30.95 -1.18
C ASN A 280 -0.92 -29.53 -1.69
N PRO A 281 -0.69 -29.25 -2.98
CA PRO A 281 -0.98 -27.88 -3.47
C PRO A 281 -2.43 -27.43 -3.28
N GLU A 282 -3.34 -28.38 -3.23
CA GLU A 282 -4.73 -28.09 -2.93
C GLU A 282 -4.87 -27.52 -1.50
N ALA A 283 -3.93 -27.83 -0.60
CA ALA A 283 -3.94 -27.31 0.77
C ALA A 283 -3.37 -25.90 0.90
N ARG A 284 -2.68 -25.44 -0.13
CA ARG A 284 -2.09 -24.10 -0.14
C ARG A 284 -3.13 -23.11 -0.55
N PRO A 285 -3.10 -21.92 0.07
CA PRO A 285 -4.07 -20.90 -0.30
C PRO A 285 -3.69 -20.25 -1.62
N THR A 286 -4.64 -19.51 -2.20
CA THR A 286 -4.39 -18.68 -3.34
C THR A 286 -3.70 -17.41 -2.86
N PHE A 287 -3.17 -16.61 -3.80
CA PHE A 287 -2.65 -15.29 -3.42
C PHE A 287 -3.72 -14.28 -2.92
N PRO A 288 -4.94 -14.27 -3.49
CA PRO A 288 -5.97 -13.48 -2.84
C PRO A 288 -6.29 -13.97 -1.43
N GLY A 289 -6.24 -15.28 -1.24
CA GLY A 289 -6.36 -15.85 0.10
C GLY A 289 -5.30 -15.33 1.06
N ILE A 290 -4.06 -15.25 0.58
CA ILE A 290 -2.96 -14.72 1.40
C ILE A 290 -3.15 -13.23 1.73
N GLU A 291 -3.61 -12.48 0.76
CA GLU A 291 -3.88 -11.05 0.96
C GLU A 291 -4.96 -10.85 2.03
N GLU A 292 -5.98 -11.70 1.98
CA GLU A 292 -7.08 -11.62 2.93
C GLU A 292 -6.55 -11.85 4.36
N LYS A 293 -5.74 -12.89 4.54
CA LYS A 293 -5.13 -13.15 5.84
C LYS A 293 -4.14 -12.07 6.26
N PHE A 294 -3.23 -11.70 5.36
CA PHE A 294 -2.07 -10.89 5.74
C PHE A 294 -2.32 -9.39 5.89
N ARG A 295 -3.01 -8.77 4.95
CA ARG A 295 -3.17 -7.33 4.97
C ARG A 295 -3.80 -6.82 6.29
N PRO A 296 -4.83 -7.49 6.83
CA PRO A 296 -5.34 -7.01 8.12
C PRO A 296 -4.28 -7.12 9.23
N PHE A 297 -3.41 -8.11 9.13
CA PHE A 297 -2.40 -8.23 10.15
C PHE A 297 -1.37 -7.09 9.98
N TYR A 298 -0.97 -6.85 8.74
CA TYR A 298 -0.07 -5.75 8.45
C TYR A 298 -0.66 -4.42 8.95
N LEU A 299 -1.88 -4.10 8.50
CA LEU A 299 -2.47 -2.78 8.80
C LEU A 299 -2.63 -2.47 10.29
N SER A 300 -2.84 -3.51 11.10
CA SER A 300 -3.08 -3.29 12.52
C SER A 300 -1.82 -3.38 13.39
N GLN A 301 -0.82 -4.13 12.94
CA GLN A 301 0.40 -4.36 13.73
C GLN A 301 1.65 -3.64 13.21
N LEU A 302 1.84 -3.60 11.90
CA LEU A 302 3.12 -3.21 11.33
C LEU A 302 3.17 -1.87 10.61
N GLU A 303 2.10 -1.52 9.90
CA GLU A 303 2.06 -0.33 9.06
C GLU A 303 2.44 0.95 9.82
N GLU A 304 2.01 1.04 11.06
CA GLU A 304 2.23 2.25 11.87
C GLU A 304 3.68 2.71 11.90
N SER A 305 4.62 1.77 12.05
CA SER A 305 6.00 2.15 12.23
C SER A 305 6.86 2.21 10.94
N VAL A 306 6.27 1.87 9.79
CA VAL A 306 7.01 1.80 8.52
C VAL A 306 7.70 3.11 8.10
N GLU A 307 6.98 4.22 8.07
CA GLU A 307 7.54 5.48 7.56
C GLU A 307 8.74 5.92 8.39
N GLU A 308 8.64 5.75 9.70
CA GLU A 308 9.72 6.10 10.62
C GLU A 308 10.92 5.16 10.42
N ASP A 309 10.62 3.88 10.20
CA ASP A 309 11.65 2.86 10.06
C ASP A 309 12.39 3.06 8.76
N VAL A 310 11.66 3.30 7.69
CA VAL A 310 12.27 3.66 6.40
C VAL A 310 13.15 4.91 6.53
N LYS A 311 12.72 5.89 7.33
CA LYS A 311 13.51 7.09 7.57
C LYS A 311 14.86 6.80 8.21
N SER A 312 14.93 5.82 9.11
CA SER A 312 16.19 5.58 9.82
C SER A 312 17.11 4.64 9.05
N LEU A 313 16.54 3.73 8.28
CA LEU A 313 17.28 2.97 7.27
C LEU A 313 17.93 3.90 6.24
N LYS A 314 17.18 4.88 5.78
CA LYS A 314 17.70 5.79 4.80
C LYS A 314 18.88 6.55 5.41
N LYS A 315 18.81 6.84 6.71
CA LYS A 315 19.89 7.52 7.41
C LYS A 315 21.07 6.57 7.73
N GLU A 316 20.78 5.35 8.16
CA GLU A 316 21.82 4.37 8.49
C GLU A 316 22.48 3.74 7.25
N TYR A 317 22.05 4.15 6.06
CA TYR A 317 22.73 3.80 4.80
C TYR A 317 23.62 4.96 4.33
N SER A 318 23.07 6.16 4.24
CA SER A 318 23.83 7.32 3.74
C SER A 318 24.88 7.86 4.73
N ASN A 319 24.89 7.33 5.96
CA ASN A 319 25.92 7.64 6.97
C ASN A 319 26.91 6.48 7.15
N GLU A 320 26.39 5.25 7.21
CA GLU A 320 27.22 4.05 7.39
C GLU A 320 27.99 3.61 6.14
N ASN A 321 27.52 4.03 4.96
CA ASN A 321 28.24 3.81 3.68
C ASN A 321 28.86 5.13 3.19
N ALA A 322 28.00 6.08 2.80
CA ALA A 322 28.45 7.40 2.33
C ALA A 322 28.72 8.33 3.51
N LEU B 16 -6.05 0.05 28.70
CA LEU B 16 -6.21 1.30 29.50
C LEU B 16 -4.85 1.87 29.92
N ASN B 17 -4.41 2.95 29.24
CA ASN B 17 -3.09 3.57 29.46
C ASN B 17 -3.19 4.90 30.21
N VAL B 18 -2.44 5.04 31.31
CA VAL B 18 -2.50 6.23 32.18
C VAL B 18 -1.21 7.09 32.15
N ILE B 19 -1.37 8.41 32.04
CA ILE B 19 -0.26 9.39 31.96
C ILE B 19 -0.43 10.54 32.98
N LYS B 20 0.63 11.34 33.20
CA LYS B 20 0.63 12.36 34.26
C LYS B 20 1.04 13.78 33.83
N MET B 21 0.63 14.77 34.62
CA MET B 21 1.06 16.17 34.48
C MET B 21 0.73 16.76 33.12
N SER B 29 -1.38 23.40 26.55
CA SER B 29 -0.29 24.33 26.24
C SER B 29 -0.70 25.39 25.23
N ALA B 30 -1.53 24.99 24.26
CA ALA B 30 -1.99 25.90 23.21
C ALA B 30 -3.34 25.45 22.61
N GLU B 31 -4.44 25.90 23.22
CA GLU B 31 -5.79 25.50 22.81
C GLU B 31 -6.08 25.87 21.37
N LEU B 32 -6.92 25.06 20.70
CA LEU B 32 -7.23 25.27 19.29
C LEU B 32 -8.71 25.10 18.97
N ASP B 33 -9.05 25.56 17.77
CA ASP B 33 -10.43 25.66 17.31
C ASP B 33 -10.48 25.03 15.90
N SER B 34 -11.61 24.41 15.51
CA SER B 34 -12.85 24.38 16.28
C SER B 34 -12.83 23.37 17.44
N GLY B 35 -13.16 23.88 18.63
CA GLY B 35 -13.30 23.06 19.83
C GLY B 35 -14.76 22.91 20.18
N GLY B 36 -15.11 21.73 20.71
CA GLY B 36 -16.49 21.40 21.04
C GLY B 36 -16.71 19.89 20.92
N PHE B 37 -17.34 19.25 21.91
CA PHE B 37 -17.80 19.89 23.16
C PHE B 37 -16.65 20.21 24.12
N GLY B 38 -15.52 19.52 23.96
CA GLY B 38 -14.36 19.71 24.82
C GLY B 38 -13.39 20.76 24.30
N LYS B 39 -12.50 21.20 25.16
CA LYS B 39 -11.37 22.03 24.75
C LYS B 39 -10.28 21.09 24.27
N VAL B 40 -9.89 21.25 23.01
CA VAL B 40 -8.83 20.46 22.41
C VAL B 40 -7.60 21.36 22.33
N SER B 41 -6.49 20.88 22.88
CA SER B 41 -5.26 21.66 22.91
C SER B 41 -4.13 20.91 22.22
N LEU B 42 -3.28 21.65 21.53
CA LEU B 42 -2.03 21.10 20.99
C LEU B 42 -1.01 21.27 22.09
N CYS B 43 -0.26 20.22 22.40
CA CYS B 43 0.63 20.26 23.57
C CYS B 43 2.02 19.71 23.28
N PHE B 44 2.99 20.12 24.09
CA PHE B 44 4.38 19.75 23.92
C PHE B 44 4.88 18.93 25.11
N HIS B 45 4.91 17.60 24.97
CA HIS B 45 5.49 16.71 25.98
C HIS B 45 6.91 17.10 26.27
N ARG B 46 7.31 16.97 27.53
CA ARG B 46 8.71 17.09 27.91
C ARG B 46 9.55 16.09 27.09
N THR B 47 9.13 14.83 27.09
CA THR B 47 9.84 13.77 26.35
C THR B 47 9.32 13.60 24.91
N GLN B 48 8.11 13.08 24.76
CA GLN B 48 7.65 12.50 23.50
C GLN B 48 7.25 13.48 22.36
N GLY B 49 7.44 14.79 22.54
CA GLY B 49 7.06 15.79 21.51
C GLY B 49 5.60 16.27 21.48
N LEU B 50 5.17 16.81 20.33
CA LEU B 50 3.84 17.43 20.21
C LEU B 50 2.71 16.41 20.27
N MET B 51 1.60 16.80 20.89
CA MET B 51 0.46 15.91 21.05
C MET B 51 -0.82 16.71 21.15
N ILE B 52 -1.94 16.02 20.94
CA ILE B 52 -3.26 16.61 21.13
C ILE B 52 -3.82 16.13 22.44
N MET B 53 -4.55 17.00 23.12
CA MET B 53 -5.22 16.66 24.37
C MET B 53 -6.65 17.18 24.31
N LYS B 54 -7.60 16.36 24.73
CA LYS B 54 -8.99 16.78 24.79
C LYS B 54 -9.49 16.54 26.20
N THR B 55 -10.18 17.54 26.75
CA THR B 55 -10.65 17.50 28.14
C THR B 55 -12.00 18.22 28.28
N VAL B 56 -12.67 18.00 29.41
CA VAL B 56 -14.10 18.34 29.57
C VAL B 56 -14.35 19.75 30.09
N TYR B 57 -15.55 20.26 29.80
CA TYR B 57 -16.02 21.55 30.33
C TYR B 57 -16.09 21.50 31.86
N LYS B 58 -15.51 22.51 32.52
CA LYS B 58 -15.24 22.47 33.95
C LYS B 58 -16.46 22.68 34.86
N GLY B 59 -17.53 23.27 34.33
CA GLY B 59 -18.69 23.66 35.15
C GLY B 59 -19.86 22.70 35.10
N PRO B 60 -21.04 23.14 35.57
CA PRO B 60 -22.26 22.35 35.43
C PRO B 60 -22.35 21.64 34.07
N ASN B 61 -22.71 20.36 34.09
CA ASN B 61 -22.49 19.46 32.95
C ASN B 61 -20.99 19.25 32.75
N CYS B 62 -20.27 19.12 33.87
CA CYS B 62 -18.92 18.58 33.87
C CYS B 62 -19.05 17.10 34.20
N ILE B 63 -19.78 16.82 35.30
CA ILE B 63 -20.17 15.47 35.65
C ILE B 63 -20.67 14.74 34.40
N GLU B 64 -21.66 15.34 33.74
CA GLU B 64 -22.25 14.75 32.52
C GLU B 64 -21.20 14.31 31.51
N HIS B 65 -20.28 15.20 31.16
CA HIS B 65 -19.39 14.99 30.00
C HIS B 65 -18.15 14.15 30.25
N ASN B 66 -17.75 14.00 31.51
CA ASN B 66 -16.60 13.14 31.85
C ASN B 66 -16.86 11.66 31.58
N GLU B 67 -18.11 11.23 31.75
CA GLU B 67 -18.51 9.87 31.41
C GLU B 67 -18.53 9.65 29.91
N ALA B 68 -18.88 10.70 29.15
CA ALA B 68 -18.83 10.65 27.69
C ALA B 68 -17.39 10.52 27.25
N LEU B 69 -16.51 11.29 27.90
CA LEU B 69 -15.10 11.27 27.58
C LEU B 69 -14.48 9.93 27.90
N LEU B 70 -15.02 9.25 28.90
CA LEU B 70 -14.62 7.87 29.22
C LEU B 70 -15.08 6.94 28.11
N GLU B 71 -16.36 7.04 27.73
CA GLU B 71 -16.91 6.23 26.63
C GLU B 71 -16.09 6.38 25.35
N GLU B 72 -15.71 7.64 25.04
CA GLU B 72 -14.85 7.92 23.88
C GLU B 72 -13.47 7.28 24.00
N ALA B 73 -12.94 7.19 25.22
CA ALA B 73 -11.67 6.53 25.46
C ALA B 73 -11.72 5.06 25.08
N LYS B 74 -12.72 4.35 25.58
CA LYS B 74 -12.81 2.90 25.36
C LYS B 74 -13.05 2.59 23.88
N MET B 75 -13.91 3.37 23.25
CA MET B 75 -14.15 3.22 21.82
C MET B 75 -12.84 3.38 21.05
N MET B 76 -12.16 4.49 21.27
CA MET B 76 -10.91 4.77 20.57
C MET B 76 -9.85 3.72 20.86
N ASN B 77 -9.94 3.13 22.04
CA ASN B 77 -9.00 2.14 22.54
C ASN B 77 -9.23 0.76 21.92
N ARG B 78 -10.48 0.33 21.85
CA ARG B 78 -10.79 -0.98 21.27
C ARG B 78 -10.65 -0.96 19.74
N LEU B 79 -10.88 0.19 19.12
CA LEU B 79 -10.91 0.30 17.65
C LEU B 79 -9.57 0.76 17.07
N ARG B 80 -8.46 0.50 17.76
CA ARG B 80 -7.18 1.04 17.30
C ARG B 80 -6.60 0.30 16.09
N HIS B 81 -6.06 1.08 15.17
CA HIS B 81 -5.72 0.62 13.80
C HIS B 81 -4.90 1.70 13.16
N SER B 82 -4.15 1.35 12.12
CA SER B 82 -3.29 2.35 11.47
C SER B 82 -4.09 3.46 10.77
N ARG B 83 -5.36 3.19 10.44
CA ARG B 83 -6.22 4.18 9.76
C ARG B 83 -7.26 4.82 10.70
N VAL B 84 -7.06 4.67 12.01
CA VAL B 84 -7.96 5.25 13.01
C VAL B 84 -7.11 6.09 13.94
N VAL B 85 -7.57 7.30 14.25
CA VAL B 85 -6.86 8.19 15.18
C VAL B 85 -6.43 7.49 16.48
N LYS B 86 -5.20 7.74 16.89
CA LYS B 86 -4.52 6.95 17.91
C LYS B 86 -4.58 7.59 19.30
N LEU B 87 -5.24 6.90 20.24
CA LEU B 87 -5.27 7.32 21.64
C LEU B 87 -4.01 6.84 22.32
N LEU B 88 -3.07 7.74 22.60
CA LEU B 88 -1.83 7.39 23.29
C LEU B 88 -2.06 7.02 24.76
N GLY B 89 -2.94 7.76 25.43
CA GLY B 89 -3.25 7.49 26.84
C GLY B 89 -4.22 8.48 27.44
N VAL B 90 -4.36 8.42 28.77
CA VAL B 90 -5.30 9.25 29.52
C VAL B 90 -4.66 9.87 30.76
N ILE B 91 -5.05 11.11 31.07
CA ILE B 91 -4.59 11.81 32.26
C ILE B 91 -5.80 12.08 33.15
N ILE B 92 -5.69 11.73 34.43
CA ILE B 92 -6.78 11.89 35.41
C ILE B 92 -6.29 12.66 36.64
N GLU B 93 -6.87 13.84 36.87
CA GLU B 93 -6.49 14.69 38.00
C GLU B 93 -7.74 15.14 38.76
N GLU B 94 -7.93 14.58 39.96
CA GLU B 94 -9.13 14.81 40.77
C GLU B 94 -10.41 14.54 39.97
N GLY B 95 -10.46 13.39 39.30
CA GLY B 95 -11.65 12.93 38.58
C GLY B 95 -11.79 13.38 37.13
N LYS B 96 -11.07 14.44 36.76
CA LYS B 96 -11.19 15.05 35.43
C LYS B 96 -10.42 14.23 34.38
N TYR B 97 -11.12 13.77 33.35
CA TYR B 97 -10.51 12.97 32.29
C TYR B 97 -9.88 13.87 31.25
N SER B 98 -8.80 13.38 30.64
CA SER B 98 -8.12 14.07 29.54
C SER B 98 -7.54 13.05 28.57
N LEU B 99 -8.12 12.95 27.38
CA LEU B 99 -7.62 12.01 26.38
C LEU B 99 -6.42 12.60 25.66
N VAL B 100 -5.35 11.83 25.58
CA VAL B 100 -4.16 12.25 24.87
C VAL B 100 -4.05 11.45 23.57
N MET B 101 -3.94 12.17 22.46
CA MET B 101 -3.95 11.56 21.14
C MET B 101 -2.70 11.91 20.37
N GLU B 102 -2.38 11.07 19.39
CA GLU B 102 -1.22 11.28 18.55
C GLU B 102 -1.56 12.39 17.56
N TYR B 103 -0.72 13.42 17.54
CA TYR B 103 -0.94 14.61 16.72
C TYR B 103 -0.77 14.31 15.23
N MET B 104 -1.85 14.54 14.46
CA MET B 104 -1.80 14.44 13.01
C MET B 104 -1.53 15.84 12.49
N GLU B 105 -0.27 16.06 12.12
CA GLU B 105 0.35 17.38 12.01
C GLU B 105 -0.28 18.30 10.98
N LYS B 106 -0.85 17.74 9.92
CA LYS B 106 -1.36 18.58 8.82
C LYS B 106 -2.82 18.92 8.97
N GLY B 107 -3.45 18.43 10.04
CA GLY B 107 -4.82 18.79 10.34
C GLY B 107 -5.79 17.99 9.52
N ASN B 108 -6.97 18.53 9.27
CA ASN B 108 -8.00 17.77 8.57
C ASN B 108 -7.91 17.90 7.04
N LEU B 109 -8.54 16.96 6.36
CA LEU B 109 -8.37 16.78 4.94
C LEU B 109 -8.72 18.04 4.16
N MET B 110 -9.76 18.76 4.57
CA MET B 110 -10.14 19.96 3.83
C MET B 110 -9.07 21.04 3.97
N HIS B 111 -8.60 21.25 5.19
CA HIS B 111 -7.49 22.16 5.44
C HIS B 111 -6.30 21.93 4.51
N VAL B 112 -5.98 20.65 4.27
CA VAL B 112 -4.89 20.28 3.35
C VAL B 112 -5.27 20.57 1.88
N LEU B 113 -6.52 20.27 1.52
CA LEU B 113 -7.02 20.44 0.15
C LEU B 113 -7.15 21.93 -0.26
N LYS B 114 -7.36 22.81 0.73
CA LYS B 114 -7.48 24.25 0.51
C LYS B 114 -6.17 25.00 0.63
N ALA B 115 -5.05 24.29 0.73
CA ALA B 115 -3.74 24.94 0.75
C ALA B 115 -3.33 25.43 -0.65
N GLU B 116 -2.42 26.38 -0.71
CA GLU B 116 -1.98 26.95 -1.99
C GLU B 116 -1.29 25.92 -2.91
N MET B 117 -0.55 25.01 -2.30
CA MET B 117 0.09 23.91 -3.00
C MET B 117 -0.96 22.83 -3.29
N SER B 118 -1.17 22.48 -4.56
CA SER B 118 -2.05 21.38 -4.95
C SER B 118 -1.54 20.06 -4.40
N THR B 119 -2.48 19.16 -4.11
CA THR B 119 -2.18 17.81 -3.70
C THR B 119 -2.25 16.97 -4.96
N PRO B 120 -1.13 16.35 -5.35
CA PRO B 120 -1.12 15.63 -6.62
C PRO B 120 -2.09 14.47 -6.65
N LEU B 121 -2.55 14.14 -7.84
CA LEU B 121 -3.50 13.06 -8.08
C LEU B 121 -3.14 11.80 -7.30
N SER B 122 -1.90 11.33 -7.49
CA SER B 122 -1.46 10.09 -6.90
C SER B 122 -1.67 10.06 -5.39
N VAL B 123 -1.39 11.17 -4.72
CA VAL B 123 -1.58 11.27 -3.26
C VAL B 123 -3.08 11.32 -2.93
N LYS B 124 -3.86 12.04 -3.73
CA LYS B 124 -5.33 11.97 -3.58
C LYS B 124 -5.80 10.51 -3.71
N GLY B 125 -5.20 9.77 -4.63
CA GLY B 125 -5.53 8.36 -4.79
C GLY B 125 -5.26 7.62 -3.52
N ARG B 126 -4.06 7.80 -2.98
CA ARG B 126 -3.69 7.06 -1.78
C ARG B 126 -4.53 7.46 -0.58
N ILE B 127 -4.89 8.73 -0.46
CA ILE B 127 -5.78 9.16 0.62
C ILE B 127 -7.10 8.41 0.50
N ILE B 128 -7.60 8.28 -0.73
CA ILE B 128 -8.88 7.60 -0.97
C ILE B 128 -8.80 6.15 -0.49
N LEU B 129 -7.77 5.46 -0.95
CA LEU B 129 -7.51 4.06 -0.57
C LEU B 129 -7.43 3.90 0.94
N GLU B 130 -6.78 4.84 1.62
CA GLU B 130 -6.59 4.74 3.06
C GLU B 130 -7.92 4.96 3.79
N ILE B 131 -8.79 5.81 3.26
CA ILE B 131 -10.14 5.95 3.82
C ILE B 131 -10.91 4.64 3.67
N ILE B 132 -10.83 4.05 2.48
CA ILE B 132 -11.45 2.75 2.23
C ILE B 132 -11.00 1.70 3.27
N GLU B 133 -9.69 1.60 3.49
CA GLU B 133 -9.14 0.66 4.47
C GLU B 133 -9.69 0.92 5.88
N GLY B 134 -9.71 2.18 6.27
CA GLY B 134 -10.25 2.57 7.58
C GLY B 134 -11.69 2.14 7.74
N MET B 135 -12.50 2.40 6.72
CA MET B 135 -13.90 2.06 6.75
C MET B 135 -14.13 0.53 6.68
N CYS B 136 -13.35 -0.17 5.85
CA CYS B 136 -13.45 -1.63 5.83
C CYS B 136 -13.24 -2.16 7.25
N TYR B 137 -12.21 -1.66 7.92
CA TYR B 137 -11.92 -2.05 9.27
C TYR B 137 -13.04 -1.75 10.24
N LEU B 138 -13.44 -0.47 10.31
CA LEU B 138 -14.55 -0.08 11.17
C LEU B 138 -15.80 -0.93 10.91
N HIS B 139 -16.21 -1.05 9.65
CA HIS B 139 -17.41 -1.87 9.32
C HIS B 139 -17.25 -3.32 9.73
N GLY B 140 -16.08 -3.88 9.46
CA GLY B 140 -15.74 -5.23 9.87
C GLY B 140 -15.92 -5.45 11.36
N LYS B 141 -15.68 -4.41 12.16
CA LYS B 141 -15.85 -4.49 13.62
C LYS B 141 -17.22 -4.01 14.10
N GLY B 142 -18.16 -3.90 13.19
CA GLY B 142 -19.55 -3.62 13.53
C GLY B 142 -19.84 -2.18 13.87
N VAL B 143 -18.99 -1.25 13.41
CA VAL B 143 -19.15 0.16 13.74
C VAL B 143 -19.50 1.00 12.51
N ILE B 144 -20.73 1.51 12.49
CA ILE B 144 -21.15 2.45 11.47
C ILE B 144 -20.75 3.82 11.99
N HIS B 145 -20.04 4.59 11.17
CA HIS B 145 -19.49 5.88 11.56
C HIS B 145 -20.56 6.94 11.65
N LYS B 146 -21.33 7.08 10.58
CA LYS B 146 -22.48 7.99 10.48
C LYS B 146 -22.14 9.47 10.26
N ASP B 147 -20.86 9.82 10.27
CA ASP B 147 -20.45 11.22 10.13
C ASP B 147 -19.11 11.37 9.39
N LEU B 148 -18.93 10.54 8.38
CA LEU B 148 -17.73 10.56 7.61
C LEU B 148 -17.75 11.79 6.72
N LYS B 149 -16.63 12.53 6.71
CA LYS B 149 -16.48 13.77 5.95
C LYS B 149 -15.05 14.27 6.14
N PRO B 150 -14.58 15.18 5.26
CA PRO B 150 -13.23 15.72 5.33
C PRO B 150 -12.78 16.20 6.71
N GLU B 151 -13.65 16.87 7.47
CA GLU B 151 -13.31 17.35 8.81
C GLU B 151 -12.92 16.19 9.73
N ASN B 152 -13.52 15.02 9.50
CA ASN B 152 -13.20 13.83 10.26
C ASN B 152 -12.08 12.95 9.66
N ILE B 153 -11.42 13.42 8.58
CA ILE B 153 -10.21 12.74 8.08
C ILE B 153 -8.98 13.60 8.37
N LEU B 154 -8.09 13.07 9.19
CA LEU B 154 -6.91 13.77 9.64
C LEU B 154 -5.67 13.33 8.82
N VAL B 155 -4.66 14.18 8.73
CA VAL B 155 -3.54 13.96 7.81
C VAL B 155 -2.20 14.19 8.51
N ASP B 156 -1.24 13.29 8.36
CA ASP B 156 0.06 13.48 9.05
C ASP B 156 1.09 14.06 8.10
N ASN B 157 2.30 14.31 8.61
CA ASN B 157 3.35 14.94 7.83
C ASN B 157 3.78 14.17 6.58
N ASP B 158 3.53 12.86 6.52
CA ASP B 158 3.84 12.07 5.32
C ASP B 158 2.59 11.96 4.44
N PHE B 159 1.54 12.64 4.85
CA PHE B 159 0.27 12.70 4.12
C PHE B 159 -0.49 11.40 4.12
N HIS B 160 -0.26 10.56 5.12
CA HIS B 160 -1.14 9.46 5.41
C HIS B 160 -2.30 9.99 6.19
N ILE B 161 -3.43 9.29 6.13
CA ILE B 161 -4.62 9.71 6.86
C ILE B 161 -5.08 8.73 7.96
N LYS B 162 -5.86 9.26 8.90
CA LYS B 162 -6.52 8.46 9.92
C LYS B 162 -7.92 9.00 10.06
N ILE B 163 -8.89 8.13 10.31
CA ILE B 163 -10.29 8.50 10.46
C ILE B 163 -10.59 8.84 11.91
N ALA B 164 -11.23 9.99 12.14
CA ALA B 164 -11.60 10.43 13.48
C ALA B 164 -13.10 10.58 13.54
N ASP B 165 -13.60 10.92 14.73
CA ASP B 165 -15.01 11.17 14.93
C ASP B 165 -15.13 12.27 15.99
N LEU B 166 -14.85 13.48 15.56
CA LEU B 166 -14.72 14.60 16.47
C LEU B 166 -16.02 14.96 17.16
N GLY B 167 -17.16 14.76 16.50
CA GLY B 167 -18.46 15.16 17.05
C GLY B 167 -19.23 14.09 17.81
N LEU B 168 -18.64 12.91 17.98
CA LEU B 168 -19.39 11.78 18.54
C LEU B 168 -18.55 11.01 19.52
N THR B 198 -23.87 20.52 9.09
CA THR B 198 -24.07 20.22 7.67
C THR B 198 -24.55 18.76 7.45
N LEU B 199 -25.66 18.63 6.73
CA LEU B 199 -26.21 17.34 6.34
C LEU B 199 -25.83 16.95 4.91
N TYR B 200 -24.73 17.51 4.38
CA TYR B 200 -24.43 17.34 2.95
C TYR B 200 -23.70 16.05 2.64
N TYR B 201 -23.30 15.32 3.68
CA TYR B 201 -22.78 13.96 3.51
C TYR B 201 -23.82 12.90 3.91
N MET B 202 -24.99 13.35 4.35
CA MET B 202 -25.98 12.43 4.87
C MET B 202 -26.75 11.71 3.75
N ALA B 203 -26.83 10.38 3.85
CA ALA B 203 -27.52 9.63 2.82
C ALA B 203 -29.04 9.97 2.85
N PRO B 204 -29.66 10.11 1.68
CA PRO B 204 -31.02 10.63 1.59
C PRO B 204 -32.08 9.79 2.30
N GLU B 205 -31.85 8.50 2.44
CA GLU B 205 -32.78 7.67 3.21
C GLU B 205 -32.92 8.24 4.64
N HIS B 206 -31.84 8.86 5.14
CA HIS B 206 -31.86 9.47 6.46
C HIS B 206 -32.47 10.84 6.46
N LEU B 207 -32.37 11.52 5.34
CA LEU B 207 -33.03 12.78 5.18
C LEU B 207 -34.54 12.61 5.00
N ASN B 208 -34.96 11.49 4.38
CA ASN B 208 -36.39 11.19 4.17
C ASN B 208 -37.03 10.58 5.39
N ASP B 209 -36.32 9.71 6.07
CA ASP B 209 -36.83 9.11 7.26
C ASP B 209 -35.81 9.14 8.35
N VAL B 210 -36.11 9.85 9.40
CA VAL B 210 -35.24 9.89 10.54
C VAL B 210 -35.20 8.54 11.22
N ASN B 211 -36.19 7.71 11.00
CA ASN B 211 -36.26 6.44 11.65
C ASN B 211 -35.56 5.35 10.93
N ALA B 212 -35.01 5.63 9.77
CA ALA B 212 -34.18 4.65 9.10
C ALA B 212 -32.89 4.41 9.84
N LYS B 213 -32.56 3.17 10.06
CA LYS B 213 -31.34 2.85 10.74
C LYS B 213 -30.15 2.99 9.83
N PRO B 214 -29.05 3.63 10.42
CA PRO B 214 -27.86 3.64 9.57
C PRO B 214 -27.25 2.29 9.39
N THR B 215 -26.80 2.06 8.18
CA THR B 215 -26.16 0.82 7.76
C THR B 215 -24.80 1.18 7.19
N GLU B 216 -24.11 0.17 6.66
CA GLU B 216 -22.84 0.38 6.00
C GLU B 216 -23.03 1.30 4.81
N LYS B 217 -24.16 1.13 4.14
CA LYS B 217 -24.44 1.90 2.92
C LYS B 217 -24.68 3.39 3.22
N SER B 218 -25.06 3.72 4.46
CA SER B 218 -25.09 5.12 4.89
C SER B 218 -23.70 5.79 4.80
N ASP B 219 -22.65 5.09 5.23
CA ASP B 219 -21.28 5.65 5.19
C ASP B 219 -20.76 5.67 3.77
N VAL B 220 -21.17 4.69 2.96
CA VAL B 220 -20.73 4.65 1.56
C VAL B 220 -21.22 5.91 0.85
N TYR B 221 -22.43 6.36 1.15
CA TYR B 221 -22.94 7.58 0.53
C TYR B 221 -22.04 8.75 0.92
N SER B 222 -21.76 8.88 2.21
CA SER B 222 -20.91 9.97 2.68
C SER B 222 -19.58 9.89 1.97
N PHE B 223 -19.08 8.67 1.75
CA PHE B 223 -17.78 8.50 1.05
C PHE B 223 -17.84 9.05 -0.38
N ALA B 224 -18.96 8.85 -1.07
CA ALA B 224 -19.15 9.43 -2.41
C ALA B 224 -18.95 10.94 -2.41
N VAL B 225 -19.58 11.62 -1.46
CA VAL B 225 -19.46 13.07 -1.36
C VAL B 225 -18.02 13.48 -0.98
N VAL B 226 -17.35 12.65 -0.20
CA VAL B 226 -15.99 12.94 0.19
C VAL B 226 -15.10 12.88 -1.04
N LEU B 227 -15.33 11.86 -1.87
CA LEU B 227 -14.65 11.75 -3.17
C LEU B 227 -14.81 13.01 -3.98
N TRP B 228 -16.01 13.53 -4.04
CA TRP B 228 -16.25 14.77 -4.78
C TRP B 228 -15.44 15.88 -4.17
N ALA B 229 -15.47 15.97 -2.84
CA ALA B 229 -14.77 17.04 -2.12
C ALA B 229 -13.27 17.01 -2.45
N ILE B 230 -12.69 15.82 -2.45
CA ILE B 230 -11.27 15.65 -2.70
C ILE B 230 -10.86 16.24 -4.04
N PHE B 231 -11.68 16.07 -5.08
CA PHE B 231 -11.33 16.63 -6.39
C PHE B 231 -11.82 18.04 -6.64
N ALA B 232 -12.93 18.43 -5.99
CA ALA B 232 -13.39 19.81 -6.07
C ALA B 232 -12.55 20.75 -5.21
N ASN B 233 -11.79 20.19 -4.26
CA ASN B 233 -10.98 20.98 -3.32
C ASN B 233 -11.82 21.90 -2.40
N LYS B 234 -13.06 21.51 -2.12
CA LYS B 234 -13.97 22.32 -1.29
C LYS B 234 -15.17 21.53 -0.75
N GLU B 235 -15.84 22.09 0.25
CA GLU B 235 -17.09 21.49 0.74
C GLU B 235 -18.18 21.66 -0.32
N PRO B 236 -19.10 20.70 -0.42
CA PRO B 236 -20.21 20.79 -1.38
C PRO B 236 -21.21 21.93 -1.12
N TYR B 237 -21.90 22.33 -2.19
CA TYR B 237 -23.05 23.23 -2.10
C TYR B 237 -22.71 24.51 -1.39
N GLU B 238 -21.55 25.06 -1.69
CA GLU B 238 -21.16 26.35 -1.11
C GLU B 238 -22.13 27.47 -1.54
N ASN B 239 -22.79 27.30 -2.69
CA ASN B 239 -23.76 28.29 -3.24
C ASN B 239 -25.20 28.22 -2.67
N ALA B 240 -25.47 27.22 -1.82
CA ALA B 240 -26.82 27.02 -1.30
C ALA B 240 -27.20 28.14 -0.36
N ILE B 241 -28.33 28.79 -0.62
CA ILE B 241 -28.84 29.84 0.28
C ILE B 241 -29.98 29.40 1.20
N CYS B 242 -30.61 28.24 0.93
CA CYS B 242 -31.70 27.74 1.76
C CYS B 242 -31.49 26.27 2.10
N GLU B 243 -31.13 26.00 3.35
CA GLU B 243 -30.92 24.64 3.83
C GLU B 243 -32.08 23.72 3.45
N GLN B 244 -33.29 24.02 3.93
CA GLN B 244 -34.45 23.12 3.75
C GLN B 244 -34.71 22.81 2.27
N GLN B 245 -34.55 23.83 1.44
CA GLN B 245 -34.76 23.75 -0.01
C GLN B 245 -33.78 22.76 -0.65
N LEU B 246 -32.50 22.91 -0.33
CA LEU B 246 -31.45 22.03 -0.83
C LEU B 246 -31.67 20.58 -0.40
N ILE B 247 -32.05 20.38 0.85
CA ILE B 247 -32.32 19.04 1.38
C ILE B 247 -33.42 18.34 0.56
N MET B 248 -34.44 19.10 0.14
CA MET B 248 -35.49 18.55 -0.71
C MET B 248 -34.95 18.13 -2.08
N CYS B 249 -34.11 18.96 -2.68
CA CYS B 249 -33.41 18.56 -3.90
C CYS B 249 -32.64 17.26 -3.75
N ILE B 250 -31.96 17.07 -2.61
CA ILE B 250 -31.10 15.88 -2.42
C ILE B 250 -31.97 14.64 -2.22
N LYS B 251 -33.03 14.79 -1.45
CA LYS B 251 -34.04 13.77 -1.27
C LYS B 251 -34.56 13.26 -2.61
N SER B 252 -34.62 14.16 -3.59
CA SER B 252 -35.19 13.84 -4.89
C SER B 252 -34.14 13.57 -5.96
N GLY B 253 -32.90 13.31 -5.53
CA GLY B 253 -31.84 12.85 -6.44
C GLY B 253 -30.72 13.83 -6.73
N ASN B 254 -30.80 15.06 -6.23
CA ASN B 254 -29.75 16.06 -6.53
C ASN B 254 -28.44 15.72 -5.82
N ARG B 255 -27.33 15.84 -6.54
CA ARG B 255 -26.01 15.53 -6.03
C ARG B 255 -25.07 16.67 -6.38
N PRO B 256 -23.90 16.74 -5.74
CA PRO B 256 -22.95 17.78 -6.07
C PRO B 256 -22.53 17.78 -7.56
N ASP B 257 -22.19 18.96 -8.07
CA ASP B 257 -21.97 19.12 -9.50
C ASP B 257 -20.59 18.57 -9.91
N VAL B 258 -20.60 17.53 -10.73
CA VAL B 258 -19.38 16.93 -11.21
C VAL B 258 -18.58 17.84 -12.12
N ASP B 259 -19.24 18.77 -12.79
CA ASP B 259 -18.57 19.76 -13.63
C ASP B 259 -17.86 20.84 -12.81
N ASP B 260 -18.11 20.89 -11.50
CA ASP B 260 -17.43 21.86 -10.65
C ASP B 260 -16.02 21.38 -10.32
N ILE B 261 -15.75 20.09 -10.57
CA ILE B 261 -14.39 19.57 -10.54
C ILE B 261 -13.66 20.08 -11.78
N THR B 262 -12.68 20.95 -11.60
CA THR B 262 -11.92 21.51 -12.73
C THR B 262 -10.51 20.90 -12.86
N GLU B 263 -10.13 20.06 -11.91
CA GLU B 263 -8.95 19.21 -12.05
C GLU B 263 -9.27 17.99 -12.90
N TYR B 264 -8.24 17.34 -13.41
CA TYR B 264 -8.38 16.00 -13.96
C TYR B 264 -8.79 15.01 -12.87
N CYS B 265 -9.92 14.33 -13.08
CA CYS B 265 -10.40 13.28 -12.19
C CYS B 265 -10.60 12.04 -13.05
N PRO B 266 -9.90 10.93 -12.74
CA PRO B 266 -10.06 9.73 -13.57
C PRO B 266 -11.51 9.24 -13.61
N ARG B 267 -11.90 8.70 -14.75
CA ARG B 267 -13.26 8.23 -14.93
C ARG B 267 -13.64 7.12 -13.94
N GLU B 268 -12.67 6.31 -13.51
CA GLU B 268 -12.90 5.31 -12.50
C GLU B 268 -13.46 5.93 -11.22
N ILE B 269 -12.96 7.11 -10.86
CA ILE B 269 -13.38 7.76 -9.63
C ILE B 269 -14.72 8.50 -9.83
N ILE B 270 -14.95 9.08 -11.01
CA ILE B 270 -16.24 9.66 -11.31
C ILE B 270 -17.31 8.58 -11.24
N SER B 271 -17.03 7.40 -11.77
CA SER B 271 -17.98 6.28 -11.71
C SER B 271 -18.22 5.83 -10.30
N LEU B 272 -17.15 5.72 -9.54
CA LEU B 272 -17.22 5.19 -8.20
C LEU B 272 -18.08 6.10 -7.32
N MET B 273 -17.86 7.40 -7.51
CA MET B 273 -18.58 8.48 -6.84
C MET B 273 -20.08 8.35 -7.16
N LYS B 274 -20.39 8.22 -8.44
CA LYS B 274 -21.81 8.20 -8.85
C LYS B 274 -22.48 6.93 -8.36
N LEU B 275 -21.73 5.85 -8.33
CA LEU B 275 -22.23 4.57 -7.88
C LEU B 275 -22.51 4.67 -6.38
N CYS B 276 -21.55 5.22 -5.64
CA CYS B 276 -21.68 5.32 -4.20
C CYS B 276 -22.76 6.31 -3.74
N TRP B 277 -23.18 7.24 -4.56
CA TRP B 277 -24.26 8.10 -4.11
C TRP B 277 -25.61 7.80 -4.72
N GLU B 278 -25.76 6.57 -5.23
CA GLU B 278 -27.05 6.11 -5.74
C GLU B 278 -28.12 6.36 -4.69
N ALA B 279 -29.28 6.81 -5.14
CA ALA B 279 -30.43 7.02 -4.25
C ALA B 279 -30.76 5.76 -3.45
N ASN B 280 -30.78 4.62 -4.14
CA ASN B 280 -31.16 3.38 -3.50
C ASN B 280 -29.91 2.69 -2.90
N PRO B 281 -29.88 2.54 -1.55
CA PRO B 281 -28.68 2.01 -0.88
C PRO B 281 -28.27 0.59 -1.27
N GLU B 282 -29.20 -0.14 -1.86
CA GLU B 282 -28.97 -1.49 -2.36
C GLU B 282 -28.11 -1.42 -3.63
N ALA B 283 -28.11 -0.25 -4.27
CA ALA B 283 -27.34 -0.04 -5.49
C ALA B 283 -25.89 0.37 -5.22
N ARG B 284 -25.58 0.67 -3.96
CA ARG B 284 -24.25 1.09 -3.55
C ARG B 284 -23.46 -0.15 -3.16
N PRO B 285 -22.17 -0.17 -3.48
CA PRO B 285 -21.34 -1.26 -3.01
C PRO B 285 -21.08 -1.18 -1.52
N THR B 286 -20.55 -2.26 -0.99
CA THR B 286 -20.07 -2.29 0.37
C THR B 286 -18.66 -1.73 0.30
N PHE B 287 -18.05 -1.46 1.45
CA PHE B 287 -16.66 -1.01 1.42
C PHE B 287 -15.67 -2.04 0.90
N PRO B 288 -15.87 -3.33 1.24
CA PRO B 288 -15.00 -4.32 0.58
C PRO B 288 -15.21 -4.40 -0.93
N GLY B 289 -16.42 -4.11 -1.39
CA GLY B 289 -16.68 -4.03 -2.83
C GLY B 289 -15.97 -2.86 -3.49
N ILE B 290 -15.91 -1.74 -2.79
CA ILE B 290 -15.17 -0.58 -3.26
C ILE B 290 -13.66 -0.85 -3.32
N GLU B 291 -13.11 -1.40 -2.23
CA GLU B 291 -11.68 -1.75 -2.15
C GLU B 291 -11.27 -2.58 -3.37
N GLU B 292 -12.07 -3.60 -3.64
CA GLU B 292 -11.84 -4.56 -4.70
C GLU B 292 -11.78 -3.92 -6.10
N LYS B 293 -12.55 -2.87 -6.35
CA LYS B 293 -12.48 -2.18 -7.65
C LYS B 293 -11.45 -1.05 -7.66
N PHE B 294 -11.33 -0.33 -6.55
CA PHE B 294 -10.42 0.81 -6.50
C PHE B 294 -8.94 0.41 -6.35
N ARG B 295 -8.64 -0.55 -5.51
CA ARG B 295 -7.22 -0.89 -5.27
C ARG B 295 -6.44 -1.28 -6.55
N PRO B 296 -7.01 -2.15 -7.39
CA PRO B 296 -6.30 -2.45 -8.64
C PRO B 296 -6.07 -1.23 -9.49
N PHE B 297 -7.03 -0.31 -9.51
CA PHE B 297 -6.89 0.92 -10.30
C PHE B 297 -5.73 1.72 -9.76
N TYR B 298 -5.69 1.87 -8.44
CA TYR B 298 -4.62 2.59 -7.77
C TYR B 298 -3.23 1.98 -8.03
N LEU B 299 -3.07 0.69 -7.73
CA LEU B 299 -1.77 0.06 -7.92
C LEU B 299 -1.38 0.07 -9.40
N SER B 300 -2.39 0.01 -10.27
CA SER B 300 -2.13 0.01 -11.70
C SER B 300 -1.64 1.36 -12.23
N GLN B 301 -2.18 2.47 -11.72
CA GLN B 301 -1.98 3.75 -12.36
C GLN B 301 -1.49 4.90 -11.52
N LEU B 302 -1.63 4.84 -10.20
CA LEU B 302 -1.36 6.02 -9.36
C LEU B 302 -0.19 5.80 -8.42
N GLU B 303 -0.06 4.58 -7.91
CA GLU B 303 0.93 4.29 -6.87
C GLU B 303 2.36 4.58 -7.29
N GLU B 304 2.71 4.32 -8.56
CA GLU B 304 4.08 4.53 -9.05
C GLU B 304 4.68 5.87 -8.62
N SER B 305 3.87 6.94 -8.70
CA SER B 305 4.41 8.28 -8.55
C SER B 305 4.15 8.93 -7.17
N VAL B 306 3.58 8.16 -6.24
CA VAL B 306 3.29 8.69 -4.90
C VAL B 306 4.53 9.08 -4.11
N GLU B 307 5.57 8.25 -4.13
CA GLU B 307 6.76 8.60 -3.38
C GLU B 307 7.38 9.91 -3.86
N GLU B 308 7.54 10.06 -5.18
CA GLU B 308 8.06 11.31 -5.74
C GLU B 308 7.12 12.45 -5.39
N ASP B 309 5.80 12.23 -5.54
CA ASP B 309 4.81 13.28 -5.30
C ASP B 309 4.76 13.77 -3.86
N VAL B 310 4.90 12.87 -2.89
CA VAL B 310 5.02 13.25 -1.49
C VAL B 310 6.33 13.98 -1.22
N LYS B 311 7.44 13.61 -1.86
CA LYS B 311 8.70 14.34 -1.68
C LYS B 311 8.55 15.82 -2.04
N SER B 312 7.84 16.09 -3.13
CA SER B 312 7.59 17.45 -3.60
C SER B 312 6.74 18.25 -2.62
N LEU B 313 5.64 17.65 -2.16
CA LEU B 313 4.76 18.30 -1.17
C LEU B 313 5.58 18.67 0.07
N LYS B 314 6.42 17.76 0.53
CA LYS B 314 7.25 18.03 1.69
C LYS B 314 8.18 19.22 1.43
N LYS B 315 8.75 19.32 0.23
CA LYS B 315 9.63 20.45 -0.14
C LYS B 315 8.92 21.82 -0.01
N GLU B 316 7.74 21.95 -0.62
CA GLU B 316 6.96 23.19 -0.56
C GLU B 316 5.57 22.93 0.03
N TYR B 317 5.44 23.12 1.33
CA TYR B 317 4.11 23.08 1.99
C TYR B 317 4.12 23.92 3.28
N SER B 318 3.15 24.85 3.38
CA SER B 318 2.99 25.72 4.56
C SER B 318 1.54 25.71 5.07
N ASN B 319 1.35 25.43 6.37
CA ASN B 319 0.03 25.42 7.01
C ASN B 319 -0.49 26.83 7.26
MG MG C . 27.90 4.31 -25.07
N1 Q1A D . 9.45 -10.70 -18.18
C10 Q1A D . 15.75 -7.94 -16.70
C13 Q1A D . 15.08 -6.80 -14.28
C15 Q1A D . 17.45 -6.22 -13.78
C17 Q1A D . 19.47 -6.67 -12.55
C20 Q1A D . 17.98 -3.47 -11.25
C21 Q1A D . 16.04 -3.05 -12.43
C22 Q1A D . 16.14 -4.18 -13.18
C01 Q1A D . 5.86 -9.41 -16.00
C02 Q1A D . 6.85 -10.47 -15.52
C03 Q1A D . 7.21 -10.19 -14.06
C04 Q1A D . 6.20 -11.85 -15.64
C05 Q1A D . 8.09 -10.41 -16.41
C06 Q1A D . 9.25 -9.80 -16.14
C07 Q1A D . 10.07 -10.05 -17.24
N01 Q1A D . 11.35 -9.57 -17.51
C08 Q1A D . 12.22 -9.04 -16.56
O01 Q1A D . 11.94 -9.10 -15.38
N02 Q1A D . 13.38 -8.52 -17.05
C09 Q1A D . 14.43 -7.94 -16.28
C11 Q1A D . 16.73 -7.36 -15.91
C12 Q1A D . 16.41 -6.73 -14.71
C14 Q1A D . 14.10 -7.34 -15.07
C16 Q1A D . 18.52 -7.02 -13.51
C18 Q1A D . 19.32 -5.54 -11.81
C19 Q1A D . 18.20 -4.68 -12.01
N03 Q1A D . 18.85 -3.07 -10.30
N04 Q1A D . 16.92 -2.72 -11.51
C1 Q1A D . 17.24 -5.04 -13.00
O1 Q1A D . 8.16 -10.96 -17.64
N1 Q1A E . -14.35 8.28 18.88
C10 Q1A E . -10.70 14.24 19.19
C13 Q1A E . -9.11 13.90 16.96
C15 Q1A E . -8.16 16.19 17.13
C17 Q1A E . -8.08 18.49 16.38
C20 Q1A E . -4.90 16.78 15.32
C21 Q1A E . -5.00 14.57 16.03
C22 Q1A E . -6.23 14.70 16.58
C01 Q1A E . -12.93 4.99 16.29
C02 Q1A E . -13.89 6.11 15.91
C03 Q1A E . -13.44 6.74 14.58
C04 Q1A E . -15.30 5.54 15.72
C05 Q1A E . -13.89 7.15 17.01
C06 Q1A E . -13.08 8.23 17.05
C07 Q1A E . -13.44 8.91 18.21
N01 Q1A E . -12.88 10.05 18.77
C08 Q1A E . -12.09 10.97 18.11
O01 Q1A E . -11.94 10.89 16.89
N02 Q1A E . -11.59 11.97 18.90
C09 Q1A E . -10.76 13.05 18.48
C11 Q1A E . -9.86 15.27 18.76
C12 Q1A E . -9.00 15.10 17.68
C14 Q1A E . -9.93 12.87 17.39
C16 Q1A E . -8.74 17.44 17.01
C18 Q1A E . -6.85 18.30 15.83
C19 Q1A E . -6.21 17.04 15.89
N03 Q1A E . -4.21 17.76 14.70
N04 Q1A E . -4.36 15.57 15.42
C1 Q1A E . -6.88 15.96 16.54
O1 Q1A E . -14.65 7.14 18.10
#